data_4Z8N
#
_entry.id   4Z8N
#
_cell.length_a   58.790
_cell.length_b   93.450
_cell.length_c   126.720
_cell.angle_alpha   90.000
_cell.angle_beta   90.000
_cell.angle_gamma   90.000
#
_symmetry.space_group_name_H-M   'P 21 21 21'
#
loop_
_entity.id
_entity.type
_entity.pdbx_description
1 polymer 'Reticulocyte-binding protein 2a'
2 non-polymer 'CHLORIDE ION'
3 non-polymer DI(HYDROXYETHYL)ETHER
4 non-polymer 'MAGNESIUM ION'
5 non-polymer 'CALCIUM ION'
6 water water
#
_entity_poly.entity_id   1
_entity_poly.type   'polypeptide(L)'
_entity_poly.pdbx_seq_one_letter_code
;GSDILRYLDFSNSSGQIISTVYPFYVQMNYFAEIKYYITYHYEAKKNYDEAYNQSVNPLMSSIQNQINSCVPKKAALEKT
IFVLEYPENHNINLSNYEAKHNEYKQQLDAYKNCVQANMESYTDRMSKFNEKIYSILNSVKCTDACETDTYEIMLEIYVE
RVKEVNHNNYVNYLSTLKASLQLGVTLMLKVKQEIDNNVTISAINFLQEEMLDIITIGEAHTGKIIHGKENVLKLQNNNI
PPQVPLSTLKKLYFDSANFYATYKFSLKRADTTTAALKEKGKLLANLYNKLITYVSEK
;
_entity_poly.pdbx_strand_id   A,B
#
loop_
_chem_comp.id
_chem_comp.type
_chem_comp.name
_chem_comp.formula
CA non-polymer 'CALCIUM ION' 'Ca 2'
CL non-polymer 'CHLORIDE ION' 'Cl -1'
MG non-polymer 'MAGNESIUM ION' 'Mg 2'
PEG non-polymer DI(HYDROXYETHYL)ETHER 'C4 H10 O3'
#
# COMPACT_ATOMS: atom_id res chain seq x y z
N GLY A 1 9.42 6.60 -17.93
CA GLY A 1 8.19 7.25 -17.56
C GLY A 1 8.35 8.24 -16.42
N SER A 2 9.56 8.78 -16.27
CA SER A 2 9.87 9.71 -15.19
C SER A 2 9.09 11.02 -15.31
N ASP A 3 8.60 11.50 -14.17
CA ASP A 3 7.87 12.76 -14.10
C ASP A 3 7.87 13.26 -12.65
N ILE A 4 8.71 14.25 -12.39
CA ILE A 4 8.90 14.75 -11.03
C ILE A 4 7.63 15.38 -10.47
N LEU A 5 6.73 15.84 -11.35
CA LEU A 5 5.50 16.49 -10.90
C LEU A 5 4.50 15.51 -10.32
N ARG A 6 4.78 14.22 -10.42
CA ARG A 6 3.92 13.21 -9.83
C ARG A 6 3.96 13.25 -8.30
N TYR A 7 4.99 13.86 -7.74
CA TYR A 7 5.17 13.84 -6.29
C TYR A 7 5.68 15.16 -5.71
N LEU A 8 6.27 16.01 -6.54
CA LEU A 8 6.97 17.17 -6.02
C LEU A 8 6.02 18.30 -5.62
N ASP A 9 5.74 18.38 -4.33
CA ASP A 9 5.01 19.50 -3.75
C ASP A 9 5.89 20.09 -2.66
N PHE A 10 5.56 21.30 -2.21
CA PHE A 10 6.38 21.96 -1.19
C PHE A 10 5.57 22.33 0.04
N SER A 11 5.93 21.75 1.18
CA SER A 11 5.32 22.09 2.45
C SER A 11 6.19 23.10 3.19
N ASN A 12 5.70 23.64 4.30
CA ASN A 12 6.47 24.64 5.02
C ASN A 12 6.21 24.73 6.52
N SER A 13 6.53 25.89 7.07
CA SER A 13 6.32 26.23 8.47
C SER A 13 4.90 25.91 8.94
N SER A 14 3.91 26.50 8.27
CA SER A 14 2.52 26.44 8.73
C SER A 14 1.82 25.13 8.40
N GLY A 15 2.39 24.35 7.48
CA GLY A 15 1.81 23.09 7.11
C GLY A 15 1.04 23.18 5.81
N GLN A 16 1.05 24.37 5.22
CA GLN A 16 0.48 24.56 3.90
C GLN A 16 1.27 23.75 2.88
N ILE A 17 0.59 23.25 1.86
CA ILE A 17 1.27 22.51 0.81
C ILE A 17 1.05 23.25 -0.51
N ILE A 18 2.13 23.77 -1.06
CA ILE A 18 2.06 24.39 -2.38
C ILE A 18 2.39 23.35 -3.44
N SER A 19 1.44 23.10 -4.32
CA SER A 19 1.58 22.03 -5.30
C SER A 19 2.07 22.56 -6.65
N THR A 20 2.85 21.74 -7.35
CA THR A 20 3.36 22.12 -8.66
C THR A 20 2.35 21.80 -9.76
N VAL A 21 1.23 21.18 -9.37
CA VAL A 21 0.18 20.83 -10.32
C VAL A 21 -1.15 21.49 -9.96
N TYR A 22 -1.99 21.69 -10.97
CA TYR A 22 -3.32 22.28 -10.80
C TYR A 22 -4.10 21.55 -9.71
N PRO A 23 -4.80 22.29 -8.84
CA PRO A 23 -4.98 23.75 -8.81
C PRO A 23 -3.98 24.50 -7.91
N PHE A 24 -2.82 23.89 -7.64
CA PHE A 24 -1.69 24.55 -6.98
C PHE A 24 -1.91 24.95 -5.51
N TYR A 25 -3.01 25.64 -5.22
CA TYR A 25 -3.31 26.02 -3.84
C TYR A 25 -4.64 25.43 -3.40
N VAL A 26 -4.73 25.02 -2.13
CA VAL A 26 -5.92 24.36 -1.64
C VAL A 26 -7.13 25.31 -1.60
N GLN A 27 -6.87 26.60 -1.41
CA GLN A 27 -7.94 27.61 -1.41
C GLN A 27 -8.70 27.61 -2.74
N MET A 28 -7.97 27.38 -3.83
CA MET A 28 -8.56 27.38 -5.17
C MET A 28 -9.51 26.20 -5.30
N ASN A 29 -9.12 25.08 -4.69
CA ASN A 29 -9.97 23.90 -4.64
C ASN A 29 -11.23 24.20 -3.85
N TYR A 30 -11.06 24.93 -2.75
CA TYR A 30 -12.16 25.32 -1.88
C TYR A 30 -13.15 26.22 -2.60
N PHE A 31 -12.65 27.19 -3.36
CA PHE A 31 -13.51 28.12 -4.09
C PHE A 31 -14.33 27.40 -5.14
N ALA A 32 -13.77 26.34 -5.73
CA ALA A 32 -14.49 25.53 -6.71
C ALA A 32 -15.61 24.74 -6.04
N GLU A 33 -15.35 24.29 -4.80
CA GLU A 33 -16.34 23.53 -4.05
C GLU A 33 -17.54 24.38 -3.67
N ILE A 34 -17.28 25.60 -3.22
CA ILE A 34 -18.34 26.54 -2.86
C ILE A 34 -19.23 26.83 -4.06
N LYS A 35 -18.63 26.86 -5.25
CA LYS A 35 -19.33 27.21 -6.47
C LYS A 35 -20.58 26.35 -6.71
N TYR A 36 -20.48 25.04 -6.52
CA TYR A 36 -21.66 24.20 -6.71
C TYR A 36 -22.30 23.79 -5.38
N TYR A 37 -21.70 24.22 -4.28
CA TYR A 37 -22.29 24.02 -2.96
C TYR A 37 -23.59 24.80 -2.83
N ILE A 38 -23.55 26.07 -3.24
CA ILE A 38 -24.67 26.99 -3.05
C ILE A 38 -25.57 27.12 -4.28
N THR A 39 -25.58 26.07 -5.11
CA THR A 39 -26.28 26.09 -6.39
C THR A 39 -27.80 26.29 -6.26
N TYR A 40 -28.35 26.01 -5.09
CA TYR A 40 -29.79 26.14 -4.91
C TYR A 40 -30.19 27.42 -4.18
N HIS A 41 -29.20 28.17 -3.72
CA HIS A 41 -29.44 29.52 -3.24
C HIS A 41 -29.22 30.46 -4.41
N TYR A 42 -30.30 30.71 -5.15
CA TYR A 42 -30.21 31.24 -6.50
C TYR A 42 -29.44 32.56 -6.61
N GLU A 43 -29.83 33.57 -5.83
CA GLU A 43 -29.18 34.88 -5.92
C GLU A 43 -27.73 34.81 -5.46
N ALA A 44 -27.46 34.03 -4.42
CA ALA A 44 -26.10 33.86 -3.92
C ALA A 44 -25.24 33.18 -4.99
N LYS A 45 -25.84 32.25 -5.73
CA LYS A 45 -25.13 31.52 -6.78
C LYS A 45 -24.74 32.44 -7.94
N LYS A 46 -25.65 33.30 -8.39
CA LYS A 46 -25.35 34.18 -9.52
C LYS A 46 -24.28 35.19 -9.12
N ASN A 47 -24.40 35.75 -7.91
CA ASN A 47 -23.42 36.68 -7.42
C ASN A 47 -22.04 36.03 -7.25
N TYR A 48 -22.02 34.79 -6.78
CA TYR A 48 -20.76 34.10 -6.56
C TYR A 48 -20.07 33.80 -7.89
N ASP A 49 -20.85 33.31 -8.86
CA ASP A 49 -20.31 33.00 -10.18
C ASP A 49 -19.69 34.24 -10.82
N GLU A 50 -20.31 35.39 -10.57
CA GLU A 50 -19.82 36.66 -11.09
C GLU A 50 -18.52 37.07 -10.40
N ALA A 51 -18.50 36.93 -9.07
CA ALA A 51 -17.32 37.29 -8.29
C ALA A 51 -16.17 36.31 -8.54
N TYR A 52 -16.52 35.04 -8.72
CA TYR A 52 -15.53 34.01 -9.03
C TYR A 52 -14.80 34.31 -10.33
N ASN A 53 -15.57 34.71 -11.35
CA ASN A 53 -15.02 35.00 -12.66
C ASN A 53 -14.10 36.22 -12.65
N GLN A 54 -14.46 37.20 -11.82
CA GLN A 54 -13.69 38.43 -11.75
C GLN A 54 -12.40 38.29 -10.94
N SER A 55 -12.43 37.44 -9.92
CA SER A 55 -11.31 37.34 -8.98
C SER A 55 -10.50 36.05 -9.12
N VAL A 56 -11.18 34.91 -9.02
CA VAL A 56 -10.51 33.62 -8.97
C VAL A 56 -9.86 33.24 -10.30
N ASN A 57 -10.58 33.40 -11.40
CA ASN A 57 -10.07 33.02 -12.70
C ASN A 57 -8.82 33.79 -13.16
N PRO A 58 -8.80 35.12 -12.98
CA PRO A 58 -7.54 35.80 -13.33
C PRO A 58 -6.39 35.41 -12.40
N LEU A 59 -6.71 35.13 -11.13
CA LEU A 59 -5.69 34.70 -10.17
C LEU A 59 -5.10 33.36 -10.57
N MET A 60 -5.96 32.41 -10.95
CA MET A 60 -5.52 31.09 -11.39
C MET A 60 -4.64 31.20 -12.62
N SER A 61 -5.00 32.10 -13.53
CA SER A 61 -4.25 32.31 -14.76
C SER A 61 -2.84 32.83 -14.45
N SER A 62 -2.74 33.74 -13.49
CA SER A 62 -1.46 34.31 -13.09
C SER A 62 -0.57 33.25 -12.45
N ILE A 63 -1.17 32.39 -11.63
CA ILE A 63 -0.45 31.29 -11.01
C ILE A 63 0.02 30.30 -12.06
N GLN A 64 -0.89 29.92 -12.96
CA GLN A 64 -0.59 28.96 -14.00
C GLN A 64 0.53 29.43 -14.91
N ASN A 65 0.51 30.73 -15.24
CA ASN A 65 1.57 31.32 -16.06
C ASN A 65 2.91 31.28 -15.36
N GLN A 66 2.90 31.53 -14.04
CA GLN A 66 4.12 31.47 -13.25
C GLN A 66 4.69 30.06 -13.25
N ILE A 67 3.84 29.07 -13.03
CA ILE A 67 4.25 27.67 -13.05
C ILE A 67 4.81 27.29 -14.42
N ASN A 68 4.21 27.83 -15.47
CA ASN A 68 4.67 27.58 -16.83
C ASN A 68 6.06 28.15 -17.07
N SER A 69 6.39 29.24 -16.39
CA SER A 69 7.69 29.87 -16.55
C SER A 69 8.78 29.09 -15.80
N CYS A 70 8.35 28.16 -14.95
CA CYS A 70 9.28 27.37 -14.15
C CYS A 70 9.65 26.07 -14.85
N VAL A 71 9.00 25.80 -15.98
CA VAL A 71 9.22 24.57 -16.74
C VAL A 71 10.68 24.37 -17.20
N PRO A 72 11.32 25.42 -17.77
CA PRO A 72 12.72 25.21 -18.14
C PRO A 72 13.59 24.83 -16.94
N LYS A 73 13.27 25.39 -15.78
CA LYS A 73 13.97 25.03 -14.55
C LYS A 73 13.67 23.58 -14.15
N LYS A 74 12.42 23.16 -14.35
CA LYS A 74 12.02 21.79 -14.05
C LYS A 74 12.74 20.80 -14.95
N ALA A 75 12.87 21.16 -16.22
CA ALA A 75 13.54 20.31 -17.21
C ALA A 75 15.00 20.06 -16.84
N ALA A 76 15.71 21.14 -16.53
CA ALA A 76 17.11 21.04 -16.12
C ALA A 76 17.25 20.16 -14.88
N LEU A 77 16.34 20.32 -13.93
CA LEU A 77 16.33 19.52 -12.72
C LEU A 77 16.13 18.03 -13.02
N GLU A 78 15.18 17.72 -13.90
CA GLU A 78 14.89 16.34 -14.25
C GLU A 78 16.00 15.69 -15.07
N LYS A 79 16.72 16.48 -15.87
CA LYS A 79 17.84 15.94 -16.63
C LYS A 79 19.00 15.61 -15.70
N THR A 80 19.17 16.42 -14.65
CA THR A 80 20.19 16.15 -13.65
C THR A 80 19.87 14.87 -12.89
N ILE A 81 18.61 14.72 -12.50
CA ILE A 81 18.15 13.53 -11.80
C ILE A 81 18.36 12.26 -12.65
N PHE A 82 18.10 12.38 -13.95
CA PHE A 82 18.29 11.28 -14.89
C PHE A 82 19.75 10.81 -14.89
N VAL A 83 20.68 11.76 -14.85
CA VAL A 83 22.10 11.44 -14.78
C VAL A 83 22.45 10.74 -13.47
N LEU A 84 21.88 11.24 -12.38
CA LEU A 84 22.17 10.73 -11.04
C LEU A 84 21.55 9.36 -10.80
N GLU A 85 20.49 9.03 -11.54
CA GLU A 85 19.81 7.75 -11.38
C GLU A 85 20.41 6.68 -12.27
N TYR A 86 21.00 7.10 -13.38
CA TYR A 86 21.62 6.17 -14.32
C TYR A 86 23.05 6.59 -14.67
N PRO A 87 23.95 6.59 -13.67
CA PRO A 87 25.31 7.07 -13.91
C PRO A 87 26.14 6.15 -14.79
N GLU A 88 25.92 4.84 -14.67
CA GLU A 88 26.67 3.85 -15.42
C GLU A 88 26.37 3.98 -16.92
N ASN A 89 25.10 4.14 -17.24
CA ASN A 89 24.70 4.28 -18.64
C ASN A 89 25.13 5.62 -19.22
N HIS A 90 25.30 6.62 -18.35
CA HIS A 90 25.79 7.93 -18.78
C HIS A 90 27.31 7.92 -18.89
N ASN A 91 27.93 6.89 -18.32
CA ASN A 91 29.38 6.75 -18.28
C ASN A 91 30.03 7.94 -17.57
N ILE A 92 29.40 8.39 -16.49
CA ILE A 92 29.92 9.50 -15.72
C ILE A 92 30.74 8.94 -14.54
N ASN A 93 31.84 9.62 -14.20
CA ASN A 93 32.70 9.14 -13.12
C ASN A 93 32.25 9.68 -11.77
N LEU A 94 32.93 9.25 -10.72
CA LEU A 94 32.56 9.59 -9.36
C LEU A 94 32.63 11.09 -9.09
N SER A 95 33.73 11.71 -9.51
CA SER A 95 33.94 13.14 -9.27
C SER A 95 32.88 14.00 -9.95
N ASN A 96 32.58 13.70 -11.21
CA ASN A 96 31.55 14.44 -11.93
C ASN A 96 30.16 14.11 -11.38
N TYR A 97 30.01 12.92 -10.81
CA TYR A 97 28.75 12.55 -10.17
C TYR A 97 28.49 13.45 -8.97
N GLU A 98 29.52 13.65 -8.15
CA GLU A 98 29.40 14.47 -6.95
C GLU A 98 29.08 15.92 -7.31
N ALA A 99 29.67 16.39 -8.41
CA ALA A 99 29.39 17.73 -8.91
C ALA A 99 27.94 17.82 -9.40
N LYS A 100 27.47 16.74 -10.02
CA LYS A 100 26.11 16.68 -10.53
C LYS A 100 25.10 16.69 -9.39
N HIS A 101 25.45 16.03 -8.29
CA HIS A 101 24.59 16.02 -7.12
C HIS A 101 24.52 17.40 -6.51
N ASN A 102 25.68 18.07 -6.46
CA ASN A 102 25.75 19.45 -6.00
C ASN A 102 24.87 20.36 -6.86
N GLU A 103 24.90 20.11 -8.17
CA GLU A 103 24.06 20.85 -9.12
C GLU A 103 22.58 20.59 -8.89
N TYR A 104 22.25 19.34 -8.57
CA TYR A 104 20.88 18.94 -8.29
C TYR A 104 20.28 19.72 -7.12
N LYS A 105 21.06 19.88 -6.06
CA LYS A 105 20.61 20.63 -4.88
C LYS A 105 20.28 22.08 -5.23
N GLN A 106 21.17 22.73 -5.98
CA GLN A 106 20.94 24.11 -6.41
C GLN A 106 19.71 24.21 -7.29
N GLN A 107 19.57 23.27 -8.21
CA GLN A 107 18.47 23.26 -9.15
C GLN A 107 17.12 22.95 -8.48
N LEU A 108 17.14 22.09 -7.48
CA LEU A 108 15.93 21.81 -6.71
C LEU A 108 15.52 23.05 -5.93
N ASP A 109 16.51 23.72 -5.35
CA ASP A 109 16.26 24.94 -4.58
C ASP A 109 15.76 26.07 -5.47
N ALA A 110 16.31 26.15 -6.68
CA ALA A 110 15.93 27.20 -7.62
C ALA A 110 14.51 27.00 -8.15
N TYR A 111 14.15 25.74 -8.41
CA TYR A 111 12.81 25.42 -8.89
C TYR A 111 11.78 25.70 -7.81
N LYS A 112 12.09 25.30 -6.58
CA LYS A 112 11.20 25.55 -5.44
C LYS A 112 10.90 27.04 -5.28
N ASN A 113 11.92 27.87 -5.44
CA ASN A 113 11.76 29.32 -5.30
C ASN A 113 10.95 29.92 -6.44
N CYS A 114 11.13 29.38 -7.64
CA CYS A 114 10.38 29.82 -8.80
C CYS A 114 8.90 29.48 -8.61
N VAL A 115 8.64 28.31 -8.02
CA VAL A 115 7.29 27.86 -7.77
C VAL A 115 6.65 28.61 -6.61
N GLN A 116 7.41 28.80 -5.54
CA GLN A 116 6.90 29.47 -4.34
C GLN A 116 6.96 31.00 -4.44
N ALA A 117 7.39 31.51 -5.59
CA ALA A 117 7.46 32.96 -5.77
C ALA A 117 6.05 33.55 -5.71
N ASN A 118 5.94 34.74 -5.12
CA ASN A 118 4.68 35.45 -4.97
C ASN A 118 3.63 34.70 -4.14
N MET A 119 4.10 33.71 -3.37
CA MET A 119 3.23 32.88 -2.54
C MET A 119 2.37 33.72 -1.61
N GLU A 120 2.98 34.77 -1.11
CA GLU A 120 2.37 35.67 -0.13
C GLU A 120 1.30 36.55 -0.75
N SER A 121 1.63 37.10 -1.92
CA SER A 121 0.69 37.91 -2.68
C SER A 121 -0.50 37.06 -3.12
N TYR A 122 -0.22 35.83 -3.54
CA TYR A 122 -1.26 34.91 -3.95
C TYR A 122 -2.21 34.57 -2.80
N THR A 123 -1.64 34.23 -1.64
CA THR A 123 -2.42 33.91 -0.45
C THR A 123 -3.30 35.07 -0.01
N ASP A 124 -2.75 36.29 -0.10
CA ASP A 124 -3.48 37.49 0.28
C ASP A 124 -4.73 37.69 -0.56
N ARG A 125 -4.61 37.48 -1.87
CA ARG A 125 -5.72 37.64 -2.78
C ARG A 125 -6.79 36.58 -2.55
N MET A 126 -6.36 35.36 -2.25
CA MET A 126 -7.30 34.29 -1.93
C MET A 126 -8.04 34.62 -0.64
N SER A 127 -7.30 35.20 0.31
CA SER A 127 -7.89 35.60 1.59
C SER A 127 -8.92 36.70 1.39
N LYS A 128 -8.61 37.63 0.48
CA LYS A 128 -9.51 38.74 0.18
C LYS A 128 -10.81 38.25 -0.45
N PHE A 129 -10.70 37.29 -1.37
CA PHE A 129 -11.89 36.72 -2.01
C PHE A 129 -12.70 35.89 -1.02
N ASN A 130 -12.01 35.21 -0.11
CA ASN A 130 -12.66 34.41 0.92
C ASN A 130 -13.55 35.26 1.81
N GLU A 131 -13.08 36.45 2.15
CA GLU A 131 -13.86 37.38 2.96
C GLU A 131 -15.06 37.87 2.16
N LYS A 132 -14.88 37.99 0.85
CA LYS A 132 -15.93 38.46 -0.03
C LYS A 132 -17.06 37.44 -0.11
N ILE A 133 -16.72 36.17 0.02
CA ILE A 133 -17.71 35.09 0.01
C ILE A 133 -18.73 35.25 1.14
N TYR A 134 -18.24 35.64 2.31
CA TYR A 134 -19.11 35.83 3.48
C TYR A 134 -20.24 36.81 3.21
N SER A 135 -19.94 37.90 2.51
CA SER A 135 -20.94 38.92 2.23
C SER A 135 -21.85 38.50 1.08
N ILE A 136 -21.33 37.66 0.19
CA ILE A 136 -22.13 37.15 -0.93
C ILE A 136 -23.25 36.26 -0.42
N LEU A 137 -22.97 35.51 0.64
CA LEU A 137 -23.97 34.61 1.22
C LEU A 137 -25.02 35.35 2.04
N ASN A 138 -24.94 36.68 2.07
CA ASN A 138 -26.01 37.48 2.64
C ASN A 138 -27.21 37.46 1.69
N SER A 139 -26.98 37.03 0.46
CA SER A 139 -28.03 36.91 -0.54
C SER A 139 -28.97 35.76 -0.25
N VAL A 140 -28.55 34.86 0.64
CA VAL A 140 -29.42 33.80 1.11
C VAL A 140 -30.61 34.45 1.82
N LYS A 141 -31.80 34.26 1.26
CA LYS A 141 -32.96 35.06 1.62
C LYS A 141 -33.44 34.87 3.06
N CYS A 142 -33.25 33.68 3.62
CA CYS A 142 -33.59 33.46 5.03
C CYS A 142 -32.61 34.22 5.92
N THR A 143 -33.07 34.64 7.09
CA THR A 143 -32.25 35.51 7.95
C THR A 143 -31.88 34.83 9.27
N ASP A 144 -32.89 34.31 9.97
CA ASP A 144 -32.69 33.67 11.27
C ASP A 144 -33.28 32.27 11.17
N ALA A 145 -34.19 32.10 10.20
CA ALA A 145 -34.94 30.86 10.06
C ALA A 145 -34.34 29.88 9.04
N CYS A 146 -33.07 30.04 8.73
CA CYS A 146 -32.42 29.25 7.67
C CYS A 146 -32.52 27.73 7.86
N GLU A 147 -33.00 27.04 6.82
CA GLU A 147 -33.17 25.59 6.86
C GLU A 147 -31.86 24.90 6.45
N THR A 148 -31.64 23.71 6.98
CA THR A 148 -30.36 23.02 6.82
C THR A 148 -30.37 21.95 5.73
N ASP A 149 -31.25 22.10 4.74
CA ASP A 149 -31.36 21.13 3.66
C ASP A 149 -30.06 21.01 2.85
N THR A 150 -29.60 22.12 2.30
CA THR A 150 -28.40 22.14 1.46
C THR A 150 -27.18 21.61 2.20
N TYR A 151 -27.06 21.99 3.47
CA TYR A 151 -25.96 21.51 4.30
C TYR A 151 -25.99 19.99 4.45
N GLU A 152 -27.18 19.44 4.69
CA GLU A 152 -27.32 18.01 4.88
C GLU A 152 -27.05 17.24 3.58
N ILE A 153 -27.50 17.82 2.46
CA ILE A 153 -27.26 17.21 1.15
C ILE A 153 -25.78 17.12 0.84
N MET A 154 -25.10 18.26 0.97
CA MET A 154 -23.67 18.33 0.64
C MET A 154 -22.84 17.47 1.59
N LEU A 155 -23.24 17.42 2.85
CA LEU A 155 -22.53 16.59 3.84
C LEU A 155 -22.63 15.13 3.45
N GLU A 156 -23.80 14.72 2.99
CA GLU A 156 -24.02 13.35 2.55
C GLU A 156 -23.17 13.04 1.33
N ILE A 157 -23.03 14.01 0.44
CA ILE A 157 -22.17 13.86 -0.73
C ILE A 157 -20.72 13.73 -0.31
N TYR A 158 -20.28 14.58 0.62
CA TYR A 158 -18.90 14.55 1.11
C TYR A 158 -18.59 13.25 1.85
N VAL A 159 -19.50 12.82 2.71
CA VAL A 159 -19.34 11.61 3.49
C VAL A 159 -19.16 10.39 2.58
N GLU A 160 -20.01 10.27 1.57
CA GLU A 160 -19.94 9.14 0.64
C GLU A 160 -18.63 9.14 -0.15
N ARG A 161 -18.14 10.33 -0.48
CA ARG A 161 -16.91 10.46 -1.24
C ARG A 161 -15.67 10.05 -0.45
N VAL A 162 -15.60 10.44 0.82
CA VAL A 162 -14.42 10.11 1.62
C VAL A 162 -14.41 8.64 2.04
N LYS A 163 -15.57 7.99 1.96
CA LYS A 163 -15.68 6.58 2.29
C LYS A 163 -15.27 5.70 1.11
N GLU A 164 -15.11 6.31 -0.06
CA GLU A 164 -14.83 5.55 -1.26
C GLU A 164 -13.44 4.92 -1.25
N VAL A 165 -12.49 5.54 -0.56
CA VAL A 165 -11.14 4.99 -0.49
C VAL A 165 -10.72 4.69 0.95
N ASN A 166 -9.97 3.61 1.13
CA ASN A 166 -9.39 3.28 2.42
C ASN A 166 -7.98 3.86 2.51
N HIS A 167 -7.84 4.93 3.29
CA HIS A 167 -6.58 5.65 3.38
C HIS A 167 -5.50 4.81 4.05
N ASN A 168 -5.91 3.81 4.83
CA ASN A 168 -4.99 2.99 5.60
C ASN A 168 -3.97 2.25 4.74
N ASN A 169 -4.32 1.99 3.48
CA ASN A 169 -3.42 1.28 2.58
C ASN A 169 -2.27 2.16 2.08
N TYR A 170 -2.54 3.45 1.89
CA TYR A 170 -1.48 4.41 1.60
C TYR A 170 -0.50 4.46 2.78
N VAL A 171 -1.06 4.71 3.96
CA VAL A 171 -0.29 4.90 5.18
C VAL A 171 0.61 3.71 5.48
N ASN A 172 0.03 2.52 5.44
CA ASN A 172 0.78 1.30 5.73
C ASN A 172 1.87 1.06 4.71
N TYR A 173 1.59 1.35 3.45
CA TYR A 173 2.60 1.19 2.41
C TYR A 173 3.77 2.15 2.64
N LEU A 174 3.46 3.44 2.81
CA LEU A 174 4.48 4.46 3.05
C LEU A 174 5.35 4.12 4.26
N SER A 175 4.69 3.73 5.35
CA SER A 175 5.38 3.40 6.59
C SER A 175 6.27 2.18 6.45
N THR A 176 5.78 1.16 5.75
CA THR A 176 6.51 -0.08 5.59
C THR A 176 7.69 0.09 4.61
N LEU A 177 7.46 0.84 3.55
CA LEU A 177 8.52 1.12 2.59
C LEU A 177 9.59 2.00 3.21
N LYS A 178 9.16 2.98 4.00
CA LYS A 178 10.10 3.86 4.70
C LYS A 178 11.06 3.07 5.56
N ALA A 179 10.52 2.09 6.30
CA ALA A 179 11.33 1.26 7.17
C ALA A 179 12.39 0.48 6.40
N SER A 180 11.99 -0.09 5.26
CA SER A 180 12.93 -0.86 4.45
C SER A 180 14.01 0.04 3.84
N LEU A 181 13.64 1.29 3.54
CA LEU A 181 14.60 2.27 3.04
C LEU A 181 15.59 2.67 4.13
N GLN A 182 15.11 2.76 5.36
CA GLN A 182 15.98 3.12 6.48
C GLN A 182 16.96 1.99 6.77
N LEU A 183 16.51 0.75 6.56
CA LEU A 183 17.39 -0.41 6.64
C LEU A 183 18.44 -0.34 5.53
N GLY A 184 18.00 0.01 4.33
CA GLY A 184 18.89 0.18 3.19
C GLY A 184 19.98 1.20 3.45
N VAL A 185 19.60 2.32 4.07
CA VAL A 185 20.55 3.39 4.40
C VAL A 185 21.61 2.89 5.37
N THR A 186 21.16 2.24 6.44
CA THR A 186 22.05 1.67 7.43
C THR A 186 23.00 0.65 6.80
N LEU A 187 22.44 -0.21 5.95
CA LEU A 187 23.23 -1.21 5.23
C LEU A 187 24.33 -0.56 4.39
N MET A 188 23.99 0.53 3.69
CA MET A 188 24.95 1.21 2.83
C MET A 188 26.07 1.90 3.62
N LEU A 189 25.78 2.25 4.87
CA LEU A 189 26.82 2.78 5.76
C LEU A 189 27.85 1.70 6.04
N LYS A 190 27.40 0.45 6.11
CA LYS A 190 28.30 -0.67 6.31
C LYS A 190 29.05 -1.00 5.01
N VAL A 191 28.38 -0.79 3.88
CA VAL A 191 28.97 -1.03 2.57
C VAL A 191 30.15 -0.09 2.31
N LYS A 192 29.98 1.18 2.65
CA LYS A 192 31.03 2.18 2.41
C LYS A 192 32.25 1.95 3.29
N GLN A 193 32.09 1.16 4.35
CA GLN A 193 33.22 0.80 5.20
C GLN A 193 34.06 -0.30 4.57
N GLU A 194 33.44 -1.08 3.69
CA GLU A 194 34.06 -2.28 3.15
C GLU A 194 34.44 -2.15 1.67
N ILE A 195 33.72 -1.30 0.95
CA ILE A 195 33.91 -1.15 -0.49
C ILE A 195 34.31 0.27 -0.86
N ASP A 196 35.28 0.39 -1.77
CA ASP A 196 35.67 1.70 -2.29
C ASP A 196 34.50 2.34 -3.02
N ASN A 197 34.32 3.64 -2.82
CA ASN A 197 33.18 4.36 -3.37
C ASN A 197 33.14 4.34 -4.89
N ASN A 198 31.94 4.22 -5.45
CA ASN A 198 31.75 4.26 -6.90
C ASN A 198 30.39 4.87 -7.23
N VAL A 199 30.11 5.06 -8.52
CA VAL A 199 28.88 5.73 -8.93
C VAL A 199 27.62 4.91 -8.62
N THR A 200 27.75 3.59 -8.62
CA THR A 200 26.63 2.72 -8.27
C THR A 200 26.25 2.91 -6.81
N ILE A 201 27.24 2.97 -5.94
CA ILE A 201 27.01 3.24 -4.52
C ILE A 201 26.40 4.62 -4.34
N SER A 202 26.94 5.61 -5.05
CA SER A 202 26.44 6.97 -4.98
C SER A 202 25.00 7.06 -5.46
N ALA A 203 24.67 6.31 -6.49
CA ALA A 203 23.31 6.31 -7.04
C ALA A 203 22.29 5.71 -6.07
N ILE A 204 22.68 4.64 -5.39
CA ILE A 204 21.84 3.94 -4.42
C ILE A 204 21.47 4.89 -3.27
N ASN A 205 22.52 5.46 -2.72
CA ASN A 205 22.53 6.59 -1.82
C ASN A 205 21.64 7.77 -2.22
N PHE A 206 21.71 8.21 -3.48
CA PHE A 206 20.81 9.27 -3.96
C PHE A 206 19.34 8.83 -4.10
N LEU A 207 19.15 7.65 -4.68
CA LEU A 207 17.81 7.09 -4.91
C LEU A 207 17.08 6.77 -3.60
N GLN A 208 17.80 6.27 -2.61
CA GLN A 208 17.28 6.06 -1.26
C GLN A 208 16.85 7.38 -0.65
N GLU A 209 17.63 8.41 -0.84
CA GLU A 209 17.28 9.69 -0.21
C GLU A 209 16.04 10.34 -0.85
N GLU A 210 15.94 10.29 -2.18
CA GLU A 210 14.80 10.92 -2.83
C GLU A 210 13.55 10.07 -2.62
N MET A 211 13.71 8.77 -2.41
CA MET A 211 12.56 7.94 -2.07
C MET A 211 12.03 8.28 -0.68
N LEU A 212 12.94 8.57 0.26
CA LEU A 212 12.56 9.00 1.59
C LEU A 212 11.91 10.39 1.52
N ASP A 213 12.41 11.25 0.63
CA ASP A 213 11.83 12.59 0.44
C ASP A 213 10.42 12.52 -0.11
N ILE A 214 10.20 11.62 -1.06
CA ILE A 214 8.88 11.38 -1.62
C ILE A 214 7.92 10.90 -0.53
N ILE A 215 8.41 10.02 0.33
CA ILE A 215 7.60 9.51 1.45
C ILE A 215 7.23 10.65 2.40
N THR A 216 8.19 11.53 2.68
CA THR A 216 7.94 12.69 3.52
C THR A 216 6.80 13.56 2.96
N ILE A 217 6.85 13.83 1.66
CA ILE A 217 5.76 14.55 0.98
C ILE A 217 4.45 13.75 1.06
N GLY A 218 4.54 12.45 0.82
CA GLY A 218 3.38 11.58 0.88
C GLY A 218 2.74 11.54 2.26
N GLU A 219 3.57 11.59 3.29
CA GLU A 219 3.08 11.62 4.66
C GLU A 219 2.37 12.94 4.96
N ALA A 220 2.87 14.03 4.37
CA ALA A 220 2.24 15.34 4.53
C ALA A 220 0.85 15.35 3.91
N HIS A 221 0.71 14.79 2.72
CA HIS A 221 -0.59 14.67 2.07
C HIS A 221 -1.50 13.71 2.82
N THR A 222 -0.92 12.64 3.34
CA THR A 222 -1.66 11.64 4.11
C THR A 222 -2.29 12.28 5.35
N GLY A 223 -1.55 13.16 6.01
CA GLY A 223 -2.06 13.89 7.16
C GLY A 223 -3.29 14.72 6.81
N LYS A 224 -3.26 15.35 5.64
CA LYS A 224 -4.38 16.17 5.19
C LYS A 224 -5.59 15.33 4.86
N ILE A 225 -5.36 14.19 4.21
CA ILE A 225 -6.43 13.27 3.85
C ILE A 225 -7.16 12.76 5.09
N ILE A 226 -6.39 12.32 6.09
CA ILE A 226 -6.95 11.82 7.33
C ILE A 226 -7.69 12.92 8.09
N HIS A 227 -7.09 14.10 8.12
CA HIS A 227 -7.69 15.26 8.78
C HIS A 227 -9.02 15.63 8.13
N GLY A 228 -9.05 15.68 6.80
CA GLY A 228 -10.24 16.03 6.07
C GLY A 228 -11.35 15.00 6.22
N LYS A 229 -11.00 13.74 6.05
CA LYS A 229 -11.97 12.65 6.11
C LYS A 229 -12.63 12.51 7.47
N GLU A 230 -11.82 12.47 8.52
CA GLU A 230 -12.33 12.29 9.87
C GLU A 230 -13.24 13.44 10.30
N ASN A 231 -12.90 14.66 9.88
CA ASN A 231 -13.71 15.82 10.22
C ASN A 231 -15.04 15.80 9.47
N VAL A 232 -15.02 15.38 8.22
CA VAL A 232 -16.24 15.21 7.45
C VAL A 232 -17.15 14.19 8.14
N LEU A 233 -16.55 13.06 8.53
CA LEU A 233 -17.28 12.01 9.21
C LEU A 233 -17.77 12.47 10.58
N LYS A 234 -17.00 13.35 11.22
CA LYS A 234 -17.40 13.87 12.52
C LYS A 234 -18.63 14.77 12.42
N LEU A 235 -18.70 15.56 11.35
CA LEU A 235 -19.83 16.45 11.13
C LEU A 235 -21.14 15.68 11.04
N GLN A 236 -21.07 14.45 10.52
CA GLN A 236 -22.24 13.59 10.39
C GLN A 236 -22.74 13.13 11.75
N ASN A 237 -21.81 12.82 12.65
CA ASN A 237 -22.15 12.34 13.99
C ASN A 237 -22.80 13.41 14.86
N ASN A 238 -22.35 14.66 14.69
CA ASN A 238 -22.87 15.76 15.47
C ASN A 238 -24.30 16.13 15.06
N ASN A 239 -25.13 16.44 16.04
CA ASN A 239 -26.52 16.78 15.78
C ASN A 239 -26.71 18.25 15.42
N ILE A 240 -27.48 18.49 14.37
CA ILE A 240 -27.82 19.86 13.97
C ILE A 240 -29.33 20.02 14.03
N PRO A 241 -29.80 21.19 14.47
CA PRO A 241 -31.24 21.44 14.45
C PRO A 241 -31.74 21.69 13.03
N PRO A 242 -33.01 21.37 12.76
CA PRO A 242 -33.59 21.60 11.44
C PRO A 242 -33.53 23.06 11.01
N GLN A 243 -33.44 23.95 12.01
CA GLN A 243 -33.37 25.38 11.74
C GLN A 243 -32.17 26.02 12.46
N VAL A 244 -31.38 26.79 11.73
CA VAL A 244 -30.26 27.54 12.31
C VAL A 244 -30.26 28.97 11.78
N PRO A 245 -29.64 29.90 12.53
CA PRO A 245 -29.47 31.25 11.99
C PRO A 245 -28.45 31.29 10.85
N LEU A 246 -28.51 32.32 10.02
CA LEU A 246 -27.67 32.39 8.82
C LEU A 246 -26.17 32.42 9.15
N SER A 247 -25.80 33.17 10.19
CA SER A 247 -24.41 33.28 10.58
C SER A 247 -23.81 31.91 10.89
N THR A 248 -24.64 31.05 11.49
CA THR A 248 -24.26 29.68 11.77
C THR A 248 -24.16 28.88 10.47
N LEU A 249 -25.13 29.09 9.59
CA LEU A 249 -25.22 28.36 8.33
C LEU A 249 -23.98 28.57 7.46
N LYS A 250 -23.51 29.81 7.40
CA LYS A 250 -22.31 30.13 6.62
C LYS A 250 -21.11 29.32 7.09
N LYS A 251 -20.94 29.23 8.40
CA LYS A 251 -19.82 28.50 8.98
C LYS A 251 -19.95 27.00 8.75
N LEU A 252 -21.18 26.49 8.84
CA LEU A 252 -21.45 25.08 8.55
C LEU A 252 -21.09 24.78 7.10
N TYR A 253 -21.51 25.66 6.20
CA TYR A 253 -21.18 25.54 4.78
C TYR A 253 -19.67 25.55 4.57
N PHE A 254 -19.01 26.56 5.13
CA PHE A 254 -17.60 26.80 4.88
C PHE A 254 -16.72 25.72 5.51
N ASP A 255 -17.07 25.28 6.71
CA ASP A 255 -16.32 24.21 7.37
C ASP A 255 -16.39 22.91 6.58
N SER A 256 -17.58 22.59 6.07
CA SER A 256 -17.80 21.38 5.29
C SER A 256 -16.97 21.39 4.01
N ALA A 257 -17.07 22.49 3.27
CA ALA A 257 -16.37 22.60 2.00
C ALA A 257 -14.87 22.62 2.19
N ASN A 258 -14.40 23.24 3.27
CA ASN A 258 -12.98 23.31 3.56
C ASN A 258 -12.39 21.95 3.94
N PHE A 259 -13.15 21.17 4.70
CA PHE A 259 -12.73 19.82 5.06
C PHE A 259 -12.61 18.92 3.84
N TYR A 260 -13.58 19.01 2.93
CA TYR A 260 -13.55 18.18 1.73
C TYR A 260 -12.49 18.66 0.74
N ALA A 261 -12.34 19.97 0.62
CA ALA A 261 -11.33 20.54 -0.28
C ALA A 261 -9.93 20.12 0.15
N THR A 262 -9.71 20.08 1.46
CA THR A 262 -8.43 19.63 2.02
C THR A 262 -8.19 18.16 1.70
N TYR A 263 -9.23 17.35 1.88
CA TYR A 263 -9.18 15.93 1.56
C TYR A 263 -8.90 15.71 0.08
N LYS A 264 -9.65 16.40 -0.77
CA LYS A 264 -9.55 16.22 -2.22
C LYS A 264 -8.21 16.69 -2.77
N PHE A 265 -7.73 17.83 -2.26
CA PHE A 265 -6.48 18.43 -2.70
C PHE A 265 -5.30 17.46 -2.52
N SER A 266 -5.29 16.76 -1.39
CA SER A 266 -4.18 15.86 -1.07
C SER A 266 -4.38 14.45 -1.61
N LEU A 267 -5.64 14.01 -1.73
CA LEU A 267 -5.93 12.66 -2.23
C LEU A 267 -5.38 12.46 -3.64
N LYS A 268 -5.59 13.45 -4.49
CA LYS A 268 -5.12 13.41 -5.88
C LYS A 268 -3.61 13.21 -5.96
N ARG A 269 -2.89 13.81 -5.01
CA ARG A 269 -1.44 13.76 -4.98
C ARG A 269 -0.92 12.46 -4.38
N ALA A 270 -1.68 11.92 -3.42
CA ALA A 270 -1.31 10.67 -2.78
C ALA A 270 -1.21 9.52 -3.77
N ASP A 271 -2.09 9.52 -4.77
CA ASP A 271 -2.11 8.48 -5.79
C ASP A 271 -0.82 8.45 -6.59
N THR A 272 -0.53 9.55 -7.29
CA THR A 272 0.63 9.61 -8.18
C THR A 272 1.95 9.44 -7.45
N THR A 273 1.96 9.78 -6.15
CA THR A 273 3.15 9.62 -5.32
C THR A 273 3.54 8.15 -5.21
N THR A 274 2.53 7.29 -5.08
CA THR A 274 2.73 5.85 -4.99
C THR A 274 3.38 5.28 -6.26
N ALA A 275 2.90 5.76 -7.41
CA ALA A 275 3.43 5.31 -8.69
C ALA A 275 4.89 5.72 -8.87
N ALA A 276 5.25 6.86 -8.31
CA ALA A 276 6.62 7.34 -8.39
C ALA A 276 7.54 6.42 -7.57
N LEU A 277 7.06 6.00 -6.40
CA LEU A 277 7.83 5.09 -5.56
C LEU A 277 8.09 3.75 -6.24
N LYS A 278 7.10 3.26 -6.97
CA LYS A 278 7.24 2.03 -7.75
C LYS A 278 8.35 2.16 -8.80
N GLU A 279 8.36 3.29 -9.50
CA GLU A 279 9.37 3.55 -10.51
C GLU A 279 10.76 3.58 -9.90
N LYS A 280 10.90 4.31 -8.79
CA LYS A 280 12.19 4.45 -8.12
C LYS A 280 12.61 3.13 -7.48
N GLY A 281 11.64 2.42 -6.92
CA GLY A 281 11.88 1.14 -6.28
C GLY A 281 12.46 0.11 -7.22
N LYS A 282 11.87 0.01 -8.41
CA LYS A 282 12.37 -0.91 -9.44
C LYS A 282 13.84 -0.60 -9.77
N LEU A 283 14.16 0.68 -9.90
CA LEU A 283 15.52 1.10 -10.19
C LEU A 283 16.46 0.78 -9.04
N LEU A 284 15.99 1.01 -7.82
CA LEU A 284 16.79 0.76 -6.63
C LEU A 284 17.16 -0.72 -6.51
N ALA A 285 16.20 -1.59 -6.78
CA ALA A 285 16.44 -3.03 -6.73
C ALA A 285 17.51 -3.43 -7.74
N ASN A 286 17.44 -2.82 -8.93
CA ASN A 286 18.44 -3.06 -9.96
C ASN A 286 19.81 -2.54 -9.55
N LEU A 287 19.82 -1.39 -8.88
CA LEU A 287 21.06 -0.80 -8.37
C LEU A 287 21.70 -1.69 -7.32
N TYR A 288 20.87 -2.26 -6.44
CA TYR A 288 21.36 -3.20 -5.44
C TYR A 288 22.03 -4.42 -6.09
N ASN A 289 21.37 -4.96 -7.12
CA ASN A 289 21.91 -6.12 -7.83
C ASN A 289 23.19 -5.81 -8.58
N LYS A 290 23.30 -4.60 -9.10
CA LYS A 290 24.51 -4.16 -9.78
C LYS A 290 25.67 -4.12 -8.79
N LEU A 291 25.40 -3.61 -7.60
CA LEU A 291 26.42 -3.49 -6.55
C LEU A 291 26.90 -4.86 -6.09
N ILE A 292 26.01 -5.84 -6.10
CA ILE A 292 26.36 -7.21 -5.71
C ILE A 292 27.50 -7.76 -6.57
N THR A 293 27.47 -7.45 -7.87
CA THR A 293 28.51 -7.91 -8.77
C THR A 293 29.87 -7.34 -8.41
N TYR A 294 29.88 -6.09 -7.94
CA TYR A 294 31.11 -5.46 -7.47
C TYR A 294 31.68 -6.19 -6.25
N VAL A 295 30.83 -6.33 -5.23
CA VAL A 295 31.24 -6.93 -3.96
C VAL A 295 31.66 -8.38 -4.11
N SER A 296 30.97 -9.11 -4.98
CA SER A 296 31.16 -10.55 -5.11
C SER A 296 32.58 -10.95 -5.50
N GLU A 297 33.14 -10.31 -6.53
CA GLU A 297 34.45 -10.74 -7.02
C GLU A 297 35.62 -10.01 -6.38
N LYS A 298 35.34 -9.04 -5.51
CA LYS A 298 36.38 -8.45 -4.68
C LYS A 298 36.46 -9.17 -3.34
N ASP B 3 3.44 -12.59 15.96
CA ASP B 3 3.75 -14.00 16.13
C ASP B 3 4.32 -14.60 14.84
N ILE B 4 4.67 -15.88 14.91
CA ILE B 4 5.32 -16.55 13.78
C ILE B 4 4.32 -16.94 12.69
N LEU B 5 3.05 -17.12 13.06
CA LEU B 5 2.04 -17.55 12.09
C LEU B 5 1.51 -16.39 11.25
N ARG B 6 2.11 -15.21 11.43
CA ARG B 6 1.80 -14.07 10.57
C ARG B 6 2.34 -14.33 9.16
N TYR B 7 3.32 -15.22 9.04
CA TYR B 7 3.96 -15.48 7.76
C TYR B 7 4.19 -16.95 7.48
N LEU B 8 4.25 -17.76 8.54
CA LEU B 8 4.71 -19.13 8.38
C LEU B 8 3.71 -20.01 7.66
N ASP B 9 3.74 -19.94 6.33
CA ASP B 9 3.02 -20.88 5.48
C ASP B 9 4.05 -21.76 4.78
N PHE B 10 3.64 -22.94 4.35
CA PHE B 10 4.55 -23.86 3.69
C PHE B 10 4.03 -24.26 2.31
N SER B 11 4.83 -23.97 1.29
CA SER B 11 4.53 -24.42 -0.06
C SER B 11 4.98 -25.86 -0.23
N ASN B 12 4.23 -26.64 -1.00
CA ASN B 12 4.69 -27.96 -1.40
C ASN B 12 5.14 -27.92 -2.86
N SER B 13 5.41 -29.10 -3.43
CA SER B 13 5.89 -29.18 -4.81
C SER B 13 4.87 -28.69 -5.82
N SER B 14 3.59 -28.90 -5.51
CA SER B 14 2.51 -28.60 -6.44
C SER B 14 2.24 -27.10 -6.61
N GLY B 15 2.89 -26.28 -5.79
CA GLY B 15 2.63 -24.85 -5.80
C GLY B 15 1.50 -24.54 -4.83
N GLN B 16 1.00 -25.59 -4.19
CA GLN B 16 -0.03 -25.48 -3.16
C GLN B 16 0.57 -24.82 -1.93
N ILE B 17 -0.16 -23.89 -1.32
CA ILE B 17 0.30 -23.24 -0.11
C ILE B 17 -0.52 -23.68 1.10
N ILE B 18 0.13 -24.41 2.01
CA ILE B 18 -0.53 -24.81 3.24
C ILE B 18 -0.33 -23.73 4.30
N SER B 19 -1.44 -23.22 4.82
CA SER B 19 -1.37 -22.16 5.80
C SER B 19 -1.57 -22.69 7.20
N THR B 20 -0.89 -22.06 8.16
CA THR B 20 -1.01 -22.43 9.57
C THR B 20 -2.22 -21.74 10.21
N VAL B 21 -2.85 -20.84 9.47
CA VAL B 21 -4.03 -20.13 9.96
C VAL B 21 -5.25 -20.43 9.10
N TYR B 22 -6.43 -20.27 9.70
CA TYR B 22 -7.70 -20.50 9.03
C TYR B 22 -7.79 -19.72 7.72
N PRO B 23 -8.32 -20.35 6.65
CA PRO B 23 -8.87 -21.70 6.61
C PRO B 23 -7.87 -22.76 6.12
N PHE B 24 -6.58 -22.51 6.30
CA PHE B 24 -5.51 -23.49 6.06
C PHE B 24 -5.33 -23.88 4.59
N TYR B 25 -6.42 -24.25 3.92
CA TYR B 25 -6.35 -24.61 2.51
C TYR B 25 -7.20 -23.67 1.66
N VAL B 26 -6.74 -23.40 0.44
CA VAL B 26 -7.41 -22.45 -0.44
C VAL B 26 -8.77 -23.00 -0.89
N GLN B 27 -8.88 -24.32 -0.99
CA GLN B 27 -10.14 -24.96 -1.38
C GLN B 27 -11.25 -24.65 -0.38
N MET B 28 -10.88 -24.45 0.88
CA MET B 28 -11.84 -24.14 1.93
C MET B 28 -12.50 -22.79 1.70
N ASN B 29 -11.71 -21.81 1.27
CA ASN B 29 -12.24 -20.51 0.86
C ASN B 29 -13.21 -20.66 -0.29
N TYR B 30 -12.88 -21.56 -1.21
CA TYR B 30 -13.69 -21.80 -2.40
C TYR B 30 -15.05 -22.37 -2.05
N PHE B 31 -15.07 -23.32 -1.10
CA PHE B 31 -16.32 -23.93 -0.66
C PHE B 31 -17.25 -22.91 -0.01
N ALA B 32 -16.66 -21.99 0.75
CA ALA B 32 -17.41 -20.93 1.40
C ALA B 32 -18.04 -20.02 0.36
N GLU B 33 -17.28 -19.75 -0.69
CA GLU B 33 -17.81 -18.94 -1.76
C GLU B 33 -19.07 -19.61 -2.30
N ILE B 34 -18.96 -20.84 -2.79
CA ILE B 34 -20.11 -21.58 -3.32
C ILE B 34 -21.34 -21.46 -2.43
N LYS B 35 -21.14 -21.59 -1.11
CA LYS B 35 -22.22 -21.53 -0.13
C LYS B 35 -23.04 -20.23 -0.19
N TYR B 36 -22.39 -19.13 -0.58
CA TYR B 36 -23.06 -17.84 -0.65
C TYR B 36 -23.89 -17.72 -1.93
N TYR B 37 -23.33 -18.21 -3.03
CA TYR B 37 -23.95 -18.20 -4.35
C TYR B 37 -25.31 -18.88 -4.33
N ILE B 38 -25.26 -20.11 -3.85
CA ILE B 38 -26.28 -21.11 -4.00
C ILE B 38 -27.41 -20.74 -3.05
N THR B 39 -27.29 -19.58 -2.41
CA THR B 39 -28.41 -19.01 -1.66
C THR B 39 -29.51 -18.56 -2.61
N TYR B 40 -29.11 -18.15 -3.81
CA TYR B 40 -30.07 -17.70 -4.83
C TYR B 40 -30.59 -18.89 -5.63
N HIS B 41 -30.12 -20.07 -5.26
CA HIS B 41 -30.66 -21.32 -5.77
C HIS B 41 -31.13 -22.15 -4.59
N TYR B 42 -32.26 -21.72 -4.01
CA TYR B 42 -32.84 -22.37 -2.84
C TYR B 42 -32.98 -23.86 -3.07
N GLU B 43 -33.36 -24.17 -4.31
CA GLU B 43 -33.30 -25.47 -4.94
C GLU B 43 -32.17 -26.39 -4.44
N ALA B 44 -30.97 -25.84 -4.36
CA ALA B 44 -29.76 -26.67 -4.37
C ALA B 44 -28.83 -26.52 -3.16
N LYS B 45 -29.13 -25.59 -2.25
CA LYS B 45 -28.18 -25.32 -1.17
C LYS B 45 -28.55 -26.09 0.09
N LYS B 46 -29.82 -26.45 0.21
CA LYS B 46 -30.25 -27.29 1.33
C LYS B 46 -29.43 -28.58 1.31
N ASN B 47 -29.43 -29.29 0.18
CA ASN B 47 -28.63 -30.51 0.09
C ASN B 47 -27.13 -30.19 -0.05
N TYR B 48 -26.80 -28.92 -0.22
CA TYR B 48 -25.40 -28.47 -0.15
C TYR B 48 -24.99 -28.29 1.31
N ASP B 49 -25.82 -27.55 2.05
CA ASP B 49 -25.59 -27.30 3.47
C ASP B 49 -25.39 -28.59 4.25
N GLU B 50 -26.26 -29.55 4.00
CA GLU B 50 -26.18 -30.86 4.64
C GLU B 50 -24.93 -31.58 4.17
N ALA B 51 -24.57 -31.41 2.90
CA ALA B 51 -23.37 -32.03 2.34
C ALA B 51 -22.11 -31.34 2.87
N TYR B 52 -22.16 -30.01 2.95
CA TYR B 52 -21.08 -29.22 3.53
C TYR B 52 -20.86 -29.60 4.99
N ASN B 53 -21.96 -29.68 5.73
CA ASN B 53 -21.93 -30.07 7.13
C ASN B 53 -21.42 -31.49 7.29
N GLN B 54 -21.53 -32.25 6.21
CA GLN B 54 -21.19 -33.67 6.18
C GLN B 54 -19.73 -33.93 5.87
N SER B 55 -19.19 -33.18 4.92
CA SER B 55 -17.84 -33.44 4.42
C SER B 55 -16.86 -32.35 4.83
N VAL B 56 -17.23 -31.10 4.59
CA VAL B 56 -16.30 -30.00 4.81
C VAL B 56 -16.05 -29.74 6.30
N ASN B 57 -17.12 -29.66 7.08
CA ASN B 57 -17.00 -29.40 8.51
C ASN B 57 -16.18 -30.44 9.29
N PRO B 58 -16.41 -31.75 9.05
CA PRO B 58 -15.52 -32.69 9.74
C PRO B 58 -14.08 -32.61 9.24
N LEU B 59 -13.91 -32.29 7.96
CA LEU B 59 -12.58 -32.15 7.38
C LEU B 59 -11.85 -30.94 7.98
N MET B 60 -12.57 -29.83 8.13
CA MET B 60 -12.00 -28.63 8.73
C MET B 60 -11.61 -28.87 10.19
N SER B 61 -12.41 -29.65 10.90
CA SER B 61 -12.15 -29.96 12.30
C SER B 61 -10.87 -30.78 12.46
N SER B 62 -10.67 -31.75 11.57
CA SER B 62 -9.47 -32.59 11.62
C SER B 62 -8.22 -31.76 11.32
N ILE B 63 -8.32 -30.87 10.36
CA ILE B 63 -7.21 -29.99 10.02
C ILE B 63 -6.87 -29.05 11.18
N GLN B 64 -7.91 -28.43 11.74
CA GLN B 64 -7.74 -27.52 12.87
C GLN B 64 -7.12 -28.24 14.07
N ASN B 65 -7.55 -29.46 14.33
CA ASN B 65 -7.03 -30.24 15.45
C ASN B 65 -5.58 -30.62 15.23
N GLN B 66 -5.22 -30.91 13.98
CA GLN B 66 -3.85 -31.25 13.64
C GLN B 66 -2.92 -30.06 13.84
N ILE B 67 -3.35 -28.89 13.40
CA ILE B 67 -2.60 -27.65 13.62
C ILE B 67 -2.41 -27.40 15.12
N ASN B 68 -3.47 -27.62 15.89
CA ASN B 68 -3.42 -27.48 17.35
C ASN B 68 -2.43 -28.44 17.98
N SER B 69 -2.35 -29.65 17.42
CA SER B 69 -1.44 -30.67 17.96
C SER B 69 0.02 -30.33 17.64
N CYS B 70 0.22 -29.37 16.74
CA CYS B 70 1.55 -28.96 16.32
C CYS B 70 2.09 -27.81 17.17
N VAL B 71 1.22 -27.22 17.98
CA VAL B 71 1.56 -26.07 18.81
C VAL B 71 2.82 -26.25 19.70
N PRO B 72 3.02 -27.45 20.29
CA PRO B 72 4.28 -27.62 21.03
C PRO B 72 5.54 -27.41 20.18
N LYS B 73 5.54 -27.93 18.96
CA LYS B 73 6.67 -27.76 18.06
C LYS B 73 6.81 -26.31 17.63
N LYS B 74 5.67 -25.62 17.50
CA LYS B 74 5.67 -24.21 17.16
C LYS B 74 6.28 -23.37 18.28
N ALA B 75 5.97 -23.73 19.52
CA ALA B 75 6.46 -23.00 20.69
C ALA B 75 7.97 -23.18 20.85
N ALA B 76 8.45 -24.39 20.62
CA ALA B 76 9.87 -24.69 20.69
C ALA B 76 10.63 -23.87 19.65
N LEU B 77 10.07 -23.81 18.44
CA LEU B 77 10.65 -23.05 17.35
C LEU B 77 10.74 -21.56 17.67
N GLU B 78 9.67 -21.02 18.25
CA GLU B 78 9.61 -19.61 18.57
C GLU B 78 10.56 -19.22 19.70
N LYS B 79 10.75 -20.11 20.67
CA LYS B 79 11.73 -19.90 21.73
C LYS B 79 13.11 -19.70 21.11
N THR B 80 13.44 -20.56 20.17
CA THR B 80 14.73 -20.54 19.51
C THR B 80 14.92 -19.26 18.71
N ILE B 81 13.90 -18.88 17.95
CA ILE B 81 13.94 -17.66 17.15
C ILE B 81 14.15 -16.42 18.02
N PHE B 82 13.50 -16.40 19.18
CA PHE B 82 13.63 -15.28 20.10
C PHE B 82 15.09 -15.10 20.56
N VAL B 83 15.74 -16.21 20.88
CA VAL B 83 17.14 -16.17 21.32
C VAL B 83 18.05 -15.75 20.17
N LEU B 84 17.79 -16.29 18.98
CA LEU B 84 18.59 -15.98 17.80
C LEU B 84 18.45 -14.52 17.38
N GLU B 85 17.28 -13.94 17.60
CA GLU B 85 17.03 -12.55 17.22
C GLU B 85 17.46 -11.56 18.30
N TYR B 86 17.60 -12.05 19.53
CA TYR B 86 18.05 -11.21 20.64
C TYR B 86 19.15 -11.90 21.44
N PRO B 87 20.33 -12.11 20.82
CA PRO B 87 21.38 -12.88 21.47
C PRO B 87 22.05 -12.16 22.64
N GLU B 88 22.18 -10.84 22.55
CA GLU B 88 22.91 -10.06 23.56
C GLU B 88 22.26 -10.17 24.93
N ASN B 89 20.93 -10.04 24.97
CA ASN B 89 20.19 -10.16 26.23
C ASN B 89 20.20 -11.58 26.78
N HIS B 90 20.48 -12.55 25.92
CA HIS B 90 20.49 -13.95 26.34
C HIS B 90 21.91 -14.43 26.64
N ASN B 91 22.88 -13.57 26.40
CA ASN B 91 24.27 -13.85 26.74
C ASN B 91 24.77 -15.16 26.13
N ILE B 92 24.64 -15.26 24.82
CA ILE B 92 25.00 -16.47 24.10
C ILE B 92 26.19 -16.20 23.17
N ASN B 93 27.22 -17.03 23.30
CA ASN B 93 28.45 -16.83 22.53
C ASN B 93 28.35 -17.38 21.10
N LEU B 94 29.46 -17.27 20.37
CA LEU B 94 29.49 -17.64 18.96
C LEU B 94 29.22 -19.13 18.75
N SER B 95 29.90 -19.97 19.53
CA SER B 95 29.73 -21.40 19.45
C SER B 95 28.28 -21.81 19.73
N ASN B 96 27.71 -21.28 20.81
CA ASN B 96 26.34 -21.60 21.18
C ASN B 96 25.32 -21.00 20.21
N TYR B 97 25.65 -19.88 19.59
CA TYR B 97 24.74 -19.27 18.63
C TYR B 97 24.57 -20.17 17.42
N GLU B 98 25.69 -20.67 16.89
CA GLU B 98 25.65 -21.55 15.73
C GLU B 98 24.97 -22.86 16.06
N ALA B 99 25.08 -23.29 17.31
CA ALA B 99 24.39 -24.49 17.76
C ALA B 99 22.88 -24.24 17.76
N LYS B 100 22.49 -23.06 18.23
CA LYS B 100 21.07 -22.69 18.26
C LYS B 100 20.51 -22.51 16.84
N HIS B 101 21.37 -22.01 15.94
CA HIS B 101 20.99 -21.82 14.53
C HIS B 101 20.67 -23.16 13.88
N ASN B 102 21.50 -24.17 14.15
CA ASN B 102 21.28 -25.50 13.62
C ASN B 102 20.05 -26.15 14.24
N GLU B 103 19.77 -25.82 15.50
CA GLU B 103 18.58 -26.32 16.16
C GLU B 103 17.32 -25.67 15.57
N TYR B 104 17.45 -24.41 15.17
CA TYR B 104 16.35 -23.70 14.51
C TYR B 104 15.92 -24.42 13.23
N LYS B 105 16.90 -24.81 12.42
CA LYS B 105 16.63 -25.49 11.15
C LYS B 105 15.90 -26.82 11.37
N GLN B 106 16.27 -27.53 12.41
CA GLN B 106 15.65 -28.81 12.73
C GLN B 106 14.24 -28.64 13.32
N GLN B 107 14.08 -27.63 14.18
CA GLN B 107 12.77 -27.34 14.75
C GLN B 107 11.81 -26.78 13.70
N LEU B 108 12.34 -26.03 12.75
CA LEU B 108 11.53 -25.50 11.65
C LEU B 108 11.03 -26.64 10.78
N ASP B 109 11.92 -27.58 10.49
CA ASP B 109 11.58 -28.73 9.66
C ASP B 109 10.58 -29.64 10.36
N ALA B 110 10.75 -29.83 11.67
CA ALA B 110 9.84 -30.65 12.47
C ALA B 110 8.43 -30.08 12.45
N TYR B 111 8.32 -28.76 12.61
CA TYR B 111 7.02 -28.10 12.61
C TYR B 111 6.37 -28.16 11.24
N LYS B 112 7.18 -27.95 10.20
CA LYS B 112 6.71 -28.00 8.82
C LYS B 112 6.14 -29.37 8.49
N ASN B 113 6.81 -30.43 8.94
CA ASN B 113 6.35 -31.79 8.71
C ASN B 113 5.09 -32.11 9.50
N CYS B 114 4.97 -31.51 10.68
CA CYS B 114 3.79 -31.70 11.50
C CYS B 114 2.57 -31.07 10.85
N VAL B 115 2.75 -29.87 10.30
CA VAL B 115 1.67 -29.16 9.64
C VAL B 115 1.27 -29.80 8.31
N GLN B 116 2.26 -30.22 7.53
CA GLN B 116 2.02 -30.80 6.21
C GLN B 116 1.54 -32.24 6.27
N ALA B 117 1.46 -32.80 7.46
CA ALA B 117 1.04 -34.20 7.62
C ALA B 117 -0.36 -34.39 7.05
N ASN B 118 -0.56 -35.51 6.35
CA ASN B 118 -1.85 -35.87 5.76
C ASN B 118 -2.35 -34.88 4.71
N MET B 119 -1.48 -34.03 4.19
CA MET B 119 -1.90 -33.02 3.22
C MET B 119 -2.41 -33.65 1.93
N GLU B 120 -1.86 -34.80 1.56
CA GLU B 120 -2.29 -35.49 0.36
C GLU B 120 -3.71 -36.02 0.49
N SER B 121 -4.01 -36.57 1.66
CA SER B 121 -5.35 -37.08 1.94
C SER B 121 -6.34 -35.93 2.07
N TYR B 122 -5.93 -34.87 2.76
CA TYR B 122 -6.73 -33.66 2.90
C TYR B 122 -7.08 -33.08 1.53
N THR B 123 -6.08 -33.00 0.66
CA THR B 123 -6.28 -32.47 -0.69
C THR B 123 -7.23 -33.37 -1.47
N ASP B 124 -7.05 -34.67 -1.32
CA ASP B 124 -7.91 -35.66 -1.97
C ASP B 124 -9.37 -35.51 -1.55
N ARG B 125 -9.59 -35.40 -0.24
CA ARG B 125 -10.94 -35.25 0.30
C ARG B 125 -11.60 -33.96 -0.19
N MET B 126 -10.82 -32.91 -0.36
CA MET B 126 -11.34 -31.66 -0.90
C MET B 126 -11.69 -31.83 -2.37
N SER B 127 -10.86 -32.57 -3.08
CA SER B 127 -11.07 -32.84 -4.50
C SER B 127 -12.34 -33.66 -4.72
N LYS B 128 -12.73 -34.44 -3.73
CA LYS B 128 -13.93 -35.27 -3.83
C LYS B 128 -15.19 -34.46 -3.55
N PHE B 129 -15.12 -33.53 -2.60
CA PHE B 129 -16.26 -32.66 -2.33
C PHE B 129 -16.48 -31.72 -3.51
N ASN B 130 -15.39 -31.34 -4.16
CA ASN B 130 -15.45 -30.53 -5.37
C ASN B 130 -16.25 -31.23 -6.46
N GLU B 131 -16.03 -32.53 -6.60
CA GLU B 131 -16.79 -33.34 -7.54
C GLU B 131 -18.27 -33.36 -7.16
N LYS B 132 -18.54 -33.40 -5.86
CA LYS B 132 -19.90 -33.50 -5.35
C LYS B 132 -20.69 -32.21 -5.58
N ILE B 133 -20.02 -31.06 -5.48
CA ILE B 133 -20.66 -29.77 -5.70
C ILE B 133 -21.26 -29.70 -7.11
N TYR B 134 -20.52 -30.26 -8.06
CA TYR B 134 -20.96 -30.32 -9.45
C TYR B 134 -22.31 -31.03 -9.60
N SER B 135 -22.51 -32.08 -8.80
CA SER B 135 -23.76 -32.84 -8.85
C SER B 135 -24.86 -32.17 -8.03
N ILE B 136 -24.46 -31.41 -7.02
CA ILE B 136 -25.40 -30.67 -6.20
C ILE B 136 -26.06 -29.57 -7.04
N LEU B 137 -25.29 -28.97 -7.94
CA LEU B 137 -25.80 -27.91 -8.80
C LEU B 137 -26.77 -28.43 -9.87
N ASN B 138 -27.00 -29.74 -9.89
CA ASN B 138 -28.04 -30.30 -10.75
C ASN B 138 -29.41 -29.91 -10.24
N SER B 139 -29.50 -29.63 -8.94
CA SER B 139 -30.75 -29.20 -8.33
C SER B 139 -31.13 -27.81 -8.79
N VAL B 140 -30.19 -27.11 -9.43
CA VAL B 140 -30.50 -25.84 -10.07
C VAL B 140 -31.53 -26.11 -11.17
N LYS B 141 -32.62 -25.33 -11.17
CA LYS B 141 -33.81 -25.61 -11.98
C LYS B 141 -33.54 -25.74 -13.47
N CYS B 142 -32.48 -25.11 -13.95
CA CYS B 142 -32.28 -24.97 -15.38
C CYS B 142 -31.46 -26.08 -16.02
N THR B 143 -31.90 -26.41 -17.22
CA THR B 143 -31.10 -27.08 -18.24
C THR B 143 -31.38 -26.28 -19.51
N ASP B 144 -30.37 -26.07 -20.35
CA ASP B 144 -30.54 -25.51 -21.69
C ASP B 144 -31.05 -24.06 -21.74
N ALA B 145 -31.15 -23.39 -20.59
CA ALA B 145 -31.84 -22.09 -20.55
C ALA B 145 -31.55 -21.28 -19.29
N CYS B 146 -30.41 -21.51 -18.65
CA CYS B 146 -30.15 -20.90 -17.34
C CYS B 146 -29.79 -19.42 -17.42
N GLU B 147 -30.47 -18.61 -16.61
CA GLU B 147 -30.18 -17.18 -16.52
C GLU B 147 -28.85 -16.96 -15.79
N THR B 148 -28.21 -15.84 -16.07
CA THR B 148 -26.90 -15.54 -15.50
C THR B 148 -26.97 -14.43 -14.45
N ASP B 149 -28.17 -14.22 -13.91
CA ASP B 149 -28.38 -13.19 -12.89
C ASP B 149 -27.48 -13.40 -11.67
N THR B 150 -27.50 -14.61 -11.16
CA THR B 150 -26.75 -14.96 -9.95
C THR B 150 -25.24 -14.94 -10.22
N TYR B 151 -24.85 -15.13 -11.48
CA TYR B 151 -23.44 -15.06 -11.86
C TYR B 151 -22.95 -13.62 -11.85
N GLU B 152 -23.76 -12.72 -12.40
CA GLU B 152 -23.37 -11.33 -12.57
C GLU B 152 -23.35 -10.56 -11.26
N ILE B 153 -24.31 -10.86 -10.38
CA ILE B 153 -24.35 -10.23 -9.07
C ILE B 153 -23.04 -10.38 -8.33
N MET B 154 -22.32 -11.47 -8.62
CA MET B 154 -21.25 -11.96 -7.75
C MET B 154 -19.90 -11.73 -8.39
N LEU B 155 -19.86 -11.81 -9.72
CA LEU B 155 -18.69 -11.39 -10.47
C LEU B 155 -18.45 -9.92 -10.16
N GLU B 156 -19.54 -9.16 -10.05
CA GLU B 156 -19.47 -7.72 -9.79
C GLU B 156 -18.84 -7.44 -8.43
N ILE B 157 -19.11 -8.31 -7.46
CA ILE B 157 -18.56 -8.17 -6.12
C ILE B 157 -17.08 -8.53 -6.14
N TYR B 158 -16.75 -9.56 -6.92
CA TYR B 158 -15.36 -9.96 -7.15
C TYR B 158 -14.50 -8.86 -7.70
N VAL B 159 -15.01 -8.23 -8.74
CA VAL B 159 -14.28 -7.19 -9.43
C VAL B 159 -14.02 -6.01 -8.49
N GLU B 160 -15.06 -5.55 -7.81
CA GLU B 160 -14.94 -4.40 -6.92
C GLU B 160 -13.91 -4.62 -5.80
N ARG B 161 -13.94 -5.79 -5.18
CA ARG B 161 -13.03 -6.09 -4.08
C ARG B 161 -11.59 -6.19 -4.55
N VAL B 162 -11.40 -6.71 -5.76
CA VAL B 162 -10.08 -7.00 -6.30
C VAL B 162 -9.30 -5.73 -6.65
N LYS B 163 -9.99 -4.65 -7.02
CA LYS B 163 -9.33 -3.39 -7.33
C LYS B 163 -9.18 -2.52 -6.09
N GLU B 164 -9.49 -3.06 -4.92
CA GLU B 164 -9.35 -2.32 -3.68
C GLU B 164 -7.89 -2.26 -3.24
N VAL B 165 -7.06 -3.14 -3.81
CA VAL B 165 -5.64 -3.15 -3.48
C VAL B 165 -4.77 -3.02 -4.73
N ASN B 166 -3.57 -2.47 -4.55
CA ASN B 166 -2.59 -2.41 -5.62
C ASN B 166 -1.49 -3.44 -5.39
N HIS B 167 -1.48 -4.48 -6.22
CA HIS B 167 -0.56 -5.59 -6.04
C HIS B 167 0.90 -5.17 -6.26
N ASN B 168 1.08 -4.08 -7.01
CA ASN B 168 2.42 -3.58 -7.30
C ASN B 168 3.14 -3.08 -6.05
N ASN B 169 2.37 -2.68 -5.05
CA ASN B 169 2.93 -2.31 -3.76
C ASN B 169 3.69 -3.46 -3.13
N TYR B 170 3.11 -4.64 -3.19
CA TYR B 170 3.75 -5.84 -2.65
C TYR B 170 4.97 -6.22 -3.47
N VAL B 171 4.81 -6.17 -4.79
CA VAL B 171 5.91 -6.46 -5.70
C VAL B 171 7.08 -5.51 -5.45
N ASN B 172 6.80 -4.22 -5.39
CA ASN B 172 7.84 -3.22 -5.18
C ASN B 172 8.55 -3.40 -3.84
N TYR B 173 7.76 -3.63 -2.79
CA TYR B 173 8.31 -3.79 -1.45
C TYR B 173 9.19 -5.04 -1.34
N LEU B 174 8.65 -6.17 -1.78
CA LEU B 174 9.36 -7.45 -1.67
C LEU B 174 10.64 -7.47 -2.50
N SER B 175 10.57 -6.93 -3.72
CA SER B 175 11.72 -6.96 -4.63
C SER B 175 12.87 -6.07 -4.13
N THR B 176 12.54 -4.88 -3.65
CA THR B 176 13.55 -3.96 -3.13
C THR B 176 14.16 -4.47 -1.83
N LEU B 177 13.32 -5.03 -0.95
CA LEU B 177 13.81 -5.60 0.30
C LEU B 177 14.70 -6.80 0.02
N LYS B 178 14.25 -7.65 -0.91
CA LYS B 178 15.02 -8.84 -1.28
C LYS B 178 16.39 -8.48 -1.83
N ALA B 179 16.43 -7.51 -2.74
CA ALA B 179 17.68 -7.08 -3.34
C ALA B 179 18.65 -6.51 -2.30
N SER B 180 18.11 -5.78 -1.32
CA SER B 180 18.95 -5.22 -0.27
C SER B 180 19.48 -6.33 0.63
N LEU B 181 18.65 -7.34 0.88
CA LEU B 181 19.06 -8.47 1.72
C LEU B 181 20.14 -9.31 1.05
N GLN B 182 20.00 -9.53 -0.26
CA GLN B 182 20.98 -10.31 -1.02
C GLN B 182 22.32 -9.57 -1.03
N LEU B 183 22.26 -8.24 -1.08
CA LEU B 183 23.45 -7.42 -0.94
C LEU B 183 24.08 -7.63 0.43
N GLY B 184 23.25 -7.66 1.46
CA GLY B 184 23.71 -7.92 2.82
C GLY B 184 24.38 -9.27 2.96
N VAL B 185 23.83 -10.28 2.30
CA VAL B 185 24.43 -11.62 2.31
C VAL B 185 25.83 -11.59 1.72
N THR B 186 25.96 -10.97 0.56
CA THR B 186 27.24 -10.86 -0.13
C THR B 186 28.20 -10.00 0.69
N LEU B 187 27.65 -8.98 1.36
CA LEU B 187 28.46 -8.07 2.16
C LEU B 187 29.07 -8.80 3.34
N MET B 188 28.29 -9.65 3.99
CA MET B 188 28.75 -10.36 5.17
C MET B 188 29.84 -11.38 4.82
N LEU B 189 29.78 -11.92 3.61
CA LEU B 189 30.83 -12.80 3.12
C LEU B 189 32.14 -12.02 2.99
N LYS B 190 32.02 -10.76 2.59
CA LYS B 190 33.18 -9.87 2.48
C LYS B 190 33.73 -9.51 3.85
N VAL B 191 32.83 -9.16 4.77
CA VAL B 191 33.21 -8.79 6.13
C VAL B 191 33.92 -9.93 6.85
N LYS B 192 33.39 -11.15 6.68
CA LYS B 192 33.97 -12.32 7.32
C LYS B 192 35.41 -12.58 6.88
N GLN B 193 35.75 -12.12 5.67
CA GLN B 193 37.11 -12.24 5.16
C GLN B 193 38.07 -11.33 5.93
N GLU B 194 37.56 -10.18 6.36
CA GLU B 194 38.41 -9.15 6.95
C GLU B 194 38.55 -9.28 8.47
N ILE B 195 37.45 -9.55 9.16
CA ILE B 195 37.47 -9.63 10.62
C ILE B 195 36.98 -10.99 11.14
N ASP B 196 37.21 -11.21 12.44
CA ASP B 196 36.78 -12.45 13.09
C ASP B 196 35.27 -12.56 13.13
N ASN B 197 34.77 -13.79 13.06
CA ASN B 197 33.33 -14.03 13.18
C ASN B 197 32.88 -13.80 14.62
N ASN B 198 31.76 -13.10 14.78
CA ASN B 198 31.19 -12.86 16.10
C ASN B 198 29.68 -13.08 16.09
N VAL B 199 29.06 -12.89 17.26
CA VAL B 199 27.63 -13.12 17.40
C VAL B 199 26.81 -12.15 16.56
N THR B 200 27.23 -10.88 16.55
CA THR B 200 26.53 -9.85 15.78
C THR B 200 26.51 -10.19 14.30
N ILE B 201 27.65 -10.66 13.77
CA ILE B 201 27.73 -11.10 12.38
C ILE B 201 26.82 -12.31 12.16
N SER B 202 26.88 -13.27 13.06
CA SER B 202 26.05 -14.47 12.97
C SER B 202 24.56 -14.13 13.05
N ALA B 203 24.23 -13.15 13.89
CA ALA B 203 22.85 -12.71 14.05
C ALA B 203 22.34 -12.02 12.79
N ILE B 204 23.22 -11.22 12.17
CA ILE B 204 22.90 -10.59 10.91
C ILE B 204 22.65 -11.65 9.84
N ASN B 205 23.51 -12.66 9.81
CA ASN B 205 23.37 -13.77 8.87
C ASN B 205 22.07 -14.53 9.06
N PHE B 206 21.72 -14.84 10.31
CA PHE B 206 20.48 -15.54 10.58
C PHE B 206 19.26 -14.74 10.14
N LEU B 207 19.23 -13.46 10.53
CA LEU B 207 18.09 -12.61 10.19
C LEU B 207 17.92 -12.47 8.69
N GLN B 208 19.01 -12.23 7.98
CA GLN B 208 18.96 -12.08 6.52
C GLN B 208 18.49 -13.38 5.87
N GLU B 209 18.98 -14.50 6.38
CA GLU B 209 18.57 -15.82 5.90
C GLU B 209 17.09 -16.06 6.19
N GLU B 210 16.65 -15.66 7.39
CA GLU B 210 15.27 -15.83 7.79
C GLU B 210 14.34 -14.94 6.96
N MET B 211 14.73 -13.68 6.79
CA MET B 211 13.90 -12.72 6.05
C MET B 211 13.78 -13.08 4.56
N LEU B 212 14.89 -13.55 3.97
CA LEU B 212 14.87 -13.99 2.58
C LEU B 212 13.95 -15.19 2.38
N ASP B 213 13.88 -16.06 3.38
CA ASP B 213 13.02 -17.24 3.29
C ASP B 213 11.56 -16.84 3.48
N ILE B 214 11.32 -15.78 4.23
CA ILE B 214 9.97 -15.23 4.40
C ILE B 214 9.54 -14.54 3.11
N ILE B 215 10.49 -13.93 2.41
CA ILE B 215 10.19 -13.26 1.15
C ILE B 215 9.75 -14.28 0.10
N THR B 216 10.34 -15.47 0.15
CA THR B 216 9.95 -16.55 -0.75
C THR B 216 8.46 -16.88 -0.65
N ILE B 217 7.94 -17.02 0.58
CA ILE B 217 6.52 -17.34 0.74
C ILE B 217 5.67 -16.10 0.49
N GLY B 218 6.26 -14.93 0.69
CA GLY B 218 5.59 -13.67 0.37
C GLY B 218 5.39 -13.51 -1.13
N GLU B 219 6.43 -13.83 -1.90
CA GLU B 219 6.35 -13.76 -3.35
C GLU B 219 5.38 -14.80 -3.89
N ALA B 220 5.28 -15.93 -3.19
CA ALA B 220 4.36 -17.00 -3.57
C ALA B 220 2.92 -16.51 -3.45
N HIS B 221 2.60 -15.87 -2.33
CA HIS B 221 1.26 -15.33 -2.12
C HIS B 221 0.97 -14.21 -3.12
N THR B 222 1.95 -13.34 -3.35
CA THR B 222 1.80 -12.25 -4.31
C THR B 222 1.51 -12.79 -5.71
N GLY B 223 2.15 -13.90 -6.04
CA GLY B 223 1.88 -14.58 -7.30
C GLY B 223 0.44 -15.05 -7.39
N LYS B 224 -0.11 -15.53 -6.28
CA LYS B 224 -1.50 -15.98 -6.25
C LYS B 224 -2.45 -14.80 -6.35
N ILE B 225 -2.14 -13.72 -5.66
CA ILE B 225 -2.94 -12.50 -5.70
C ILE B 225 -3.07 -11.96 -7.13
N ILE B 226 -1.93 -11.90 -7.83
CA ILE B 226 -1.91 -11.42 -9.20
C ILE B 226 -2.69 -12.35 -10.12
N HIS B 227 -2.53 -13.66 -9.90
CA HIS B 227 -3.22 -14.65 -10.72
C HIS B 227 -4.74 -14.53 -10.58
N GLY B 228 -5.21 -14.45 -9.34
CA GLY B 228 -6.62 -14.33 -9.07
C GLY B 228 -7.19 -13.02 -9.58
N LYS B 229 -6.50 -11.92 -9.30
CA LYS B 229 -6.96 -10.59 -9.71
C LYS B 229 -7.02 -10.45 -11.23
N GLU B 230 -5.93 -10.82 -11.90
CA GLU B 230 -5.83 -10.67 -13.35
C GLU B 230 -6.85 -11.55 -14.08
N ASN B 231 -7.27 -12.64 -13.43
CA ASN B 231 -8.25 -13.55 -14.01
C ASN B 231 -9.68 -13.09 -13.76
N VAL B 232 -9.92 -12.52 -12.58
CA VAL B 232 -11.24 -12.02 -12.22
C VAL B 232 -11.68 -10.89 -13.16
N LEU B 233 -10.81 -9.90 -13.35
CA LEU B 233 -11.17 -8.74 -14.16
C LEU B 233 -11.25 -9.09 -15.64
N LYS B 234 -10.51 -10.11 -16.05
CA LYS B 234 -10.56 -10.57 -17.44
C LYS B 234 -11.73 -11.50 -17.67
N PRO B 242 -26.70 -13.99 -22.17
CA PRO B 242 -27.69 -13.82 -21.11
C PRO B 242 -28.24 -15.16 -20.63
N GLN B 243 -28.34 -16.11 -21.55
CA GLN B 243 -28.80 -17.45 -21.22
C GLN B 243 -27.77 -18.49 -21.65
N VAL B 244 -27.59 -19.51 -20.83
CA VAL B 244 -26.50 -20.45 -21.02
C VAL B 244 -26.84 -21.83 -20.45
N PRO B 245 -26.34 -22.89 -21.09
CA PRO B 245 -26.53 -24.27 -20.62
C PRO B 245 -26.01 -24.46 -19.19
N LEU B 246 -26.68 -25.31 -18.42
CA LEU B 246 -26.32 -25.55 -17.02
C LEU B 246 -24.86 -25.94 -16.83
N SER B 247 -24.35 -26.73 -17.78
CA SER B 247 -22.97 -27.20 -17.72
C SER B 247 -21.97 -26.04 -17.69
N THR B 248 -22.31 -24.96 -18.38
CA THR B 248 -21.45 -23.79 -18.44
C THR B 248 -21.70 -22.86 -17.24
N LEU B 249 -22.95 -22.77 -16.81
CA LEU B 249 -23.28 -21.98 -15.62
C LEU B 249 -22.53 -22.52 -14.40
N LYS B 250 -22.39 -23.84 -14.35
CA LYS B 250 -21.59 -24.47 -13.31
C LYS B 250 -20.13 -24.03 -13.44
N LYS B 251 -19.62 -24.06 -14.68
CA LYS B 251 -18.27 -23.64 -14.97
C LYS B 251 -18.04 -22.18 -14.58
N LEU B 252 -19.02 -21.33 -14.86
CA LEU B 252 -18.91 -19.92 -14.52
C LEU B 252 -18.90 -19.71 -13.00
N TYR B 253 -19.71 -20.49 -12.29
CA TYR B 253 -19.72 -20.42 -10.84
C TYR B 253 -18.40 -20.92 -10.26
N PHE B 254 -17.89 -22.01 -10.83
CA PHE B 254 -16.68 -22.66 -10.31
C PHE B 254 -15.42 -21.84 -10.53
N ASP B 255 -15.22 -21.36 -11.75
CA ASP B 255 -14.03 -20.59 -12.09
C ASP B 255 -13.94 -19.29 -11.31
N SER B 256 -15.00 -18.49 -11.38
CA SER B 256 -15.04 -17.19 -10.72
C SER B 256 -14.79 -17.33 -9.21
N ALA B 257 -15.48 -18.27 -8.59
CA ALA B 257 -15.32 -18.52 -7.16
C ALA B 257 -13.89 -18.98 -6.84
N ASN B 258 -13.28 -19.69 -7.76
CA ASN B 258 -11.92 -20.19 -7.57
C ASN B 258 -10.87 -19.08 -7.64
N PHE B 259 -10.99 -18.21 -8.65
CA PHE B 259 -10.03 -17.13 -8.82
C PHE B 259 -10.06 -16.16 -7.64
N TYR B 260 -11.26 -15.85 -7.16
CA TYR B 260 -11.38 -14.97 -6.01
C TYR B 260 -10.91 -15.66 -4.73
N ALA B 261 -11.22 -16.95 -4.60
CA ALA B 261 -10.76 -17.71 -3.45
C ALA B 261 -9.23 -17.68 -3.38
N THR B 262 -8.60 -17.83 -4.54
CA THR B 262 -7.14 -17.77 -4.64
C THR B 262 -6.64 -16.40 -4.22
N TYR B 263 -7.30 -15.36 -4.74
CA TYR B 263 -6.99 -13.98 -4.39
C TYR B 263 -7.18 -13.73 -2.90
N LYS B 264 -8.35 -14.08 -2.39
CA LYS B 264 -8.70 -13.83 -1.00
C LYS B 264 -7.76 -14.55 -0.03
N PHE B 265 -7.39 -15.78 -0.39
CA PHE B 265 -6.55 -16.62 0.47
C PHE B 265 -5.16 -16.04 0.67
N SER B 266 -4.56 -15.52 -0.40
CA SER B 266 -3.19 -15.02 -0.33
C SER B 266 -3.09 -13.55 0.06
N LEU B 267 -4.14 -12.78 -0.22
CA LEU B 267 -4.16 -11.36 0.16
C LEU B 267 -3.99 -11.22 1.67
N LYS B 268 -4.78 -12.01 2.39
CA LYS B 268 -4.72 -12.06 3.85
C LYS B 268 -3.31 -12.35 4.34
N ARG B 269 -2.66 -13.31 3.71
CA ARG B 269 -1.34 -13.76 4.14
C ARG B 269 -0.23 -12.80 3.73
N ALA B 270 -0.42 -12.11 2.61
CA ALA B 270 0.55 -11.15 2.11
C ALA B 270 0.73 -9.98 3.07
N ASP B 271 -0.36 -9.54 3.68
CA ASP B 271 -0.34 -8.40 4.59
C ASP B 271 0.47 -8.70 5.85
N THR B 272 0.15 -9.81 6.51
CA THR B 272 0.80 -10.15 7.77
C THR B 272 2.26 -10.56 7.54
N THR B 273 2.56 -11.06 6.34
CA THR B 273 3.93 -11.40 5.98
C THR B 273 4.76 -10.13 5.86
N THR B 274 4.21 -9.14 5.17
CA THR B 274 4.82 -7.83 5.04
C THR B 274 5.02 -7.16 6.40
N ALA B 275 4.03 -7.32 7.28
CA ALA B 275 4.13 -6.78 8.64
C ALA B 275 5.30 -7.43 9.39
N ALA B 276 5.46 -8.73 9.21
CA ALA B 276 6.54 -9.48 9.86
C ALA B 276 7.92 -9.01 9.36
N LEU B 277 8.03 -8.82 8.05
CA LEU B 277 9.29 -8.38 7.46
C LEU B 277 9.70 -6.99 7.95
N LYS B 278 8.70 -6.14 8.17
CA LYS B 278 8.97 -4.79 8.67
C LYS B 278 9.65 -4.81 10.03
N GLU B 279 9.14 -5.63 10.94
CA GLU B 279 9.69 -5.72 12.29
C GLU B 279 11.07 -6.34 12.31
N LYS B 280 11.26 -7.41 11.55
CA LYS B 280 12.55 -8.06 11.49
C LYS B 280 13.57 -7.15 10.83
N GLY B 281 13.11 -6.34 9.87
CA GLY B 281 13.95 -5.37 9.21
C GLY B 281 14.53 -4.34 10.18
N LYS B 282 13.68 -3.89 11.12
CA LYS B 282 14.13 -2.95 12.14
C LYS B 282 15.18 -3.58 13.06
N LEU B 283 15.00 -4.86 13.34
CA LEU B 283 15.96 -5.62 14.15
C LEU B 283 17.30 -5.73 13.45
N LEU B 284 17.24 -6.08 12.16
CA LEU B 284 18.44 -6.22 11.35
C LEU B 284 19.21 -4.91 11.24
N ALA B 285 18.49 -3.79 11.15
CA ALA B 285 19.14 -2.49 11.05
C ALA B 285 19.88 -2.16 12.35
N ASN B 286 19.28 -2.51 13.47
CA ASN B 286 19.93 -2.32 14.77
C ASN B 286 21.22 -3.12 14.87
N LEU B 287 21.19 -4.34 14.35
CA LEU B 287 22.37 -5.20 14.33
C LEU B 287 23.47 -4.61 13.45
N TYR B 288 23.09 -4.09 12.29
CA TYR B 288 24.06 -3.47 11.40
C TYR B 288 24.67 -2.23 12.02
N ASN B 289 23.86 -1.48 12.77
CA ASN B 289 24.35 -0.30 13.46
C ASN B 289 25.43 -0.64 14.48
N LYS B 290 25.29 -1.80 15.11
CA LYS B 290 26.29 -2.27 16.07
C LYS B 290 27.56 -2.67 15.33
N LEU B 291 27.39 -3.31 14.17
CA LEU B 291 28.53 -3.75 13.37
C LEU B 291 29.28 -2.56 12.78
N ILE B 292 28.54 -1.50 12.47
CA ILE B 292 29.13 -0.26 11.98
C ILE B 292 30.00 0.37 13.07
N THR B 293 29.50 0.33 14.30
CA THR B 293 30.23 0.88 15.45
C THR B 293 31.47 0.04 15.77
CL CL C . 1.80 -2.82 2.55
C1 PEG D . -32.40 31.21 -0.59
O1 PEG D . -32.56 31.24 -2.00
C2 PEG D . -33.32 30.12 0.02
O2 PEG D . -32.73 29.64 1.23
C3 PEG D . -33.47 28.58 1.87
C4 PEG D . -33.54 28.87 3.37
O4 PEG D . -34.07 27.76 4.06
MG MG E . 19.69 -8.45 22.33
MG MG F . 24.35 -17.63 12.05
CA CA G . 1.57 -36.99 4.21
#